data_7SN6
#
_entry.id   7SN6
#
_cell.length_a   76.163
_cell.length_b   63.156
_cell.length_c   49.387
_cell.angle_alpha   90.000
_cell.angle_beta   94.370
_cell.angle_gamma   90.000
#
_symmetry.space_group_name_H-M   'C 1 2 1'
#
loop_
_entity.id
_entity.type
_entity.pdbx_description
1 polymer 'Splicing factor U2AF 65 kDa subunit'
2 polymer 'Splicing factor 3B subunit 1'
3 non-polymer 'ISOPROPYL ALCOHOL'
4 water water
#
loop_
_entity_poly.entity_id
_entity_poly.type
_entity_poly.pdbx_seq_one_letter_code
_entity_poly.pdbx_strand_id
1 'polypeptide(L)'
;GPLGSTEVLCLMNMVLPEELLDDEEYEEIVEDVRDECSKYGLVKSIEIPRPVDGVEVPGCGKIFVEFTSVFDCQKAMQGL
TGRKFANRVVVTKYCDPDSYHRRDFW
;
A,B
2 'polypeptide(L)' KRKSRWDETPASQMGGSTP C,D
#
# COMPACT_ATOMS: atom_id res chain seq x y z
N LEU A 3 15.49 -10.34 7.92
CA LEU A 3 16.83 -10.16 7.29
C LEU A 3 17.47 -8.85 7.72
N GLY A 4 18.80 -8.83 7.81
CA GLY A 4 19.54 -7.60 7.92
C GLY A 4 20.31 -7.50 9.20
N SER A 5 20.92 -6.34 9.39
CA SER A 5 20.83 -5.23 8.42
C SER A 5 21.70 -5.45 7.18
N THR A 6 21.32 -4.79 6.09
CA THR A 6 21.99 -4.87 4.81
C THR A 6 21.98 -3.49 4.18
N GLU A 7 22.61 -3.36 3.01
CA GLU A 7 22.69 -2.06 2.34
C GLU A 7 21.56 -1.80 1.35
N VAL A 8 20.60 -2.72 1.24
CA VAL A 8 19.46 -2.59 0.34
C VAL A 8 18.18 -2.54 1.19
N LEU A 9 17.37 -1.51 0.92
CA LEU A 9 16.12 -1.23 1.62
C LEU A 9 14.97 -1.55 0.67
N CYS A 10 13.95 -2.20 1.21
CA CYS A 10 12.69 -2.46 0.50
C CYS A 10 11.59 -1.64 1.16
N LEU A 11 10.95 -0.77 0.38
CA LEU A 11 9.88 0.09 0.85
C LEU A 11 8.56 -0.44 0.27
N MET A 12 7.57 -0.63 1.14
CA MET A 12 6.28 -1.22 0.77
C MET A 12 5.15 -0.28 1.16
N ASN A 13 3.99 -0.55 0.54
CA ASN A 13 2.78 0.20 0.77
C ASN A 13 2.81 1.62 0.22
N MET A 14 3.72 1.94 -0.68
CA MET A 14 3.82 3.31 -1.19
C MET A 14 3.18 3.55 -2.55
N VAL A 15 3.11 2.55 -3.42
CA VAL A 15 2.67 2.79 -4.79
C VAL A 15 1.57 1.83 -5.13
N LEU A 16 0.66 2.30 -5.97
CA LEU A 16 -0.27 1.44 -6.69
C LEU A 16 0.28 1.14 -8.08
N PRO A 17 0.14 -0.09 -8.55
CA PRO A 17 0.58 -0.40 -9.92
C PRO A 17 0.06 0.57 -10.98
N GLU A 18 -1.22 0.94 -10.88
CA GLU A 18 -1.80 1.97 -11.74
C GLU A 18 -0.90 3.20 -11.85
N GLU A 19 -0.33 3.65 -10.73
CA GLU A 19 0.49 4.85 -10.69
C GLU A 19 1.82 4.65 -11.40
N LEU A 20 2.16 3.43 -11.79
CA LEU A 20 3.43 3.16 -12.44
C LEU A 20 3.32 3.01 -13.96
N LEU A 21 2.15 3.27 -14.54
CA LEU A 21 2.01 3.03 -15.97
C LEU A 21 2.48 4.20 -16.81
N ASP A 22 2.25 5.42 -16.34
CA ASP A 22 2.65 6.59 -17.10
C ASP A 22 4.12 6.89 -16.83
N ASP A 23 4.88 7.08 -17.90
CA ASP A 23 6.31 7.36 -17.77
C ASP A 23 6.56 8.65 -16.98
N GLU A 24 5.75 9.69 -17.21
CA GLU A 24 5.93 10.94 -16.47
C GLU A 24 5.76 10.71 -14.97
N GLU A 25 4.68 10.03 -14.59
CA GLU A 25 4.37 9.81 -13.18
C GLU A 25 5.35 8.83 -12.56
N TYR A 26 5.78 7.83 -13.34
CA TYR A 26 6.81 6.91 -12.88
C TYR A 26 8.09 7.64 -12.54
N GLU A 27 8.53 8.54 -13.41
CA GLU A 27 9.76 9.29 -13.15
C GLU A 27 9.63 10.15 -11.90
N GLU A 28 8.47 10.78 -11.72
CA GLU A 28 8.25 11.62 -10.54
C GLU A 28 8.39 10.81 -9.27
N ILE A 29 7.87 9.58 -9.26
CA ILE A 29 7.96 8.76 -8.06
C ILE A 29 9.40 8.36 -7.78
N VAL A 30 10.17 8.03 -8.83
CA VAL A 30 11.55 7.63 -8.62
C VAL A 30 12.35 8.78 -8.02
N GLU A 31 12.24 9.95 -8.61
CA GLU A 31 12.96 11.09 -8.06
C GLU A 31 12.51 11.41 -6.63
N ASP A 32 11.21 11.33 -6.37
CA ASP A 32 10.71 11.55 -5.01
C ASP A 32 11.41 10.63 -4.03
N VAL A 33 11.50 9.34 -4.38
CA VAL A 33 12.20 8.37 -3.55
C VAL A 33 13.68 8.72 -3.45
N ARG A 34 14.32 9.01 -4.58
CA ARG A 34 15.76 9.31 -4.55
C ARG A 34 16.03 10.51 -3.67
N ASP A 35 15.29 11.61 -3.88
CA ASP A 35 15.57 12.84 -3.13
C ASP A 35 15.46 12.60 -1.63
N GLU A 36 14.44 11.85 -1.20
CA GLU A 36 14.27 11.63 0.23
C GLU A 36 15.34 10.67 0.76
N CYS A 37 15.61 9.60 0.03
CA CYS A 37 16.62 8.65 0.50
C CYS A 37 18.02 9.27 0.55
N SER A 38 18.29 10.20 -0.36
CA SER A 38 19.59 10.88 -0.39
C SER A 38 19.85 11.70 0.85
N LYS A 39 18.82 11.98 1.65
CA LYS A 39 19.08 12.66 2.91
C LYS A 39 19.94 11.83 3.85
N TYR A 40 20.04 10.51 3.63
CA TYR A 40 20.67 9.58 4.56
C TYR A 40 21.95 8.96 4.03
N GLY A 41 22.17 8.98 2.74
CA GLY A 41 23.31 8.29 2.15
C GLY A 41 23.38 8.54 0.67
N LEU A 42 24.51 8.14 0.09
CA LEU A 42 24.62 8.13 -1.36
C LEU A 42 23.82 6.93 -1.84
N VAL A 43 22.91 7.16 -2.79
CA VAL A 43 22.07 6.11 -3.34
C VAL A 43 22.73 5.60 -4.60
N LYS A 44 23.07 4.31 -4.61
CA LYS A 44 23.70 3.69 -5.76
C LYS A 44 22.67 3.26 -6.80
N SER A 45 21.52 2.73 -6.37
CA SER A 45 20.55 2.24 -7.34
C SER A 45 19.15 2.29 -6.74
N ILE A 46 18.17 2.36 -7.63
CA ILE A 46 16.77 2.32 -7.24
C ILE A 46 16.08 1.38 -8.22
N GLU A 47 15.24 0.46 -7.70
CA GLU A 47 14.44 -0.37 -8.58
C GLU A 47 12.99 -0.25 -8.16
N ILE A 48 12.13 0.08 -9.12
CA ILE A 48 10.68 0.09 -8.90
C ILE A 48 10.05 -0.74 -10.00
N PRO A 49 9.80 -2.02 -9.80
CA PRO A 49 9.25 -2.85 -10.88
C PRO A 49 7.90 -2.30 -11.34
N ARG A 50 7.69 -2.30 -12.66
CA ARG A 50 6.50 -1.75 -13.27
C ARG A 50 5.61 -2.88 -13.83
N PRO A 51 4.30 -2.68 -13.91
CA PRO A 51 3.46 -3.66 -14.58
C PRO A 51 3.86 -3.74 -16.03
N VAL A 52 3.76 -4.94 -16.59
CA VAL A 52 4.12 -5.19 -17.99
C VAL A 52 3.07 -6.11 -18.60
N ASP A 53 2.67 -5.80 -19.83
CA ASP A 53 1.56 -6.51 -20.49
C ASP A 53 0.38 -6.69 -19.55
N GLY A 54 0.13 -5.66 -18.73
CA GLY A 54 -0.96 -5.73 -17.77
C GLY A 54 -0.85 -6.91 -16.83
N VAL A 55 0.29 -7.04 -16.17
CA VAL A 55 0.49 -8.06 -15.14
C VAL A 55 1.40 -7.48 -14.08
N GLU A 56 1.08 -7.75 -12.80
CA GLU A 56 1.92 -7.36 -11.68
C GLU A 56 3.09 -8.32 -11.59
N VAL A 57 4.24 -7.90 -12.13
CA VAL A 57 5.45 -8.72 -12.14
C VAL A 57 5.93 -8.93 -10.71
N PRO A 58 6.77 -9.91 -10.44
CA PRO A 58 7.37 -10.06 -9.11
C PRO A 58 7.93 -8.77 -8.57
N GLY A 59 7.55 -8.45 -7.35
CA GLY A 59 8.05 -7.25 -6.74
C GLY A 59 7.29 -6.00 -7.12
N CYS A 60 6.33 -6.08 -8.04
CA CYS A 60 5.52 -4.90 -8.32
C CYS A 60 4.72 -4.51 -7.09
N GLY A 61 4.74 -3.23 -6.76
CA GLY A 61 4.26 -2.74 -5.48
C GLY A 61 5.36 -2.35 -4.53
N LYS A 62 6.57 -2.87 -4.74
CA LYS A 62 7.72 -2.60 -3.90
C LYS A 62 8.71 -1.61 -4.54
N ILE A 63 9.49 -0.95 -3.67
CA ILE A 63 10.54 -0.01 -4.08
C ILE A 63 11.83 -0.47 -3.39
N PHE A 64 12.90 -0.62 -4.17
CA PHE A 64 14.18 -1.12 -3.68
C PHE A 64 15.18 0.01 -3.84
N VAL A 65 15.97 0.27 -2.79
CA VAL A 65 16.99 1.30 -2.81
C VAL A 65 18.28 0.75 -2.26
N GLU A 66 19.37 0.88 -3.01
CA GLU A 66 20.66 0.41 -2.59
C GLU A 66 21.51 1.61 -2.19
N PHE A 67 22.08 1.54 -1.01
CA PHE A 67 23.04 2.52 -0.49
C PHE A 67 24.46 1.98 -0.58
N THR A 68 25.43 2.88 -0.35
CA THR A 68 26.83 2.46 -0.38
C THR A 68 27.31 1.81 0.92
N SER A 69 26.51 1.83 1.97
CA SER A 69 26.92 1.20 3.21
C SER A 69 25.70 0.68 3.95
N VAL A 70 25.93 -0.29 4.83
CA VAL A 70 24.85 -0.75 5.69
C VAL A 70 24.35 0.38 6.59
N PHE A 71 25.28 1.14 7.20
CA PHE A 71 24.86 2.20 8.13
C PHE A 71 23.96 3.22 7.44
N ASP A 72 24.25 3.57 6.19
CA ASP A 72 23.43 4.56 5.52
C ASP A 72 22.04 4.01 5.27
N CYS A 73 21.97 2.71 4.98
CA CYS A 73 20.68 2.05 4.74
C CYS A 73 19.89 2.01 6.04
N GLN A 74 20.59 1.72 7.15
CA GLN A 74 19.97 1.70 8.45
C GLN A 74 19.38 3.07 8.80
N LYS A 75 20.15 4.13 8.54
CA LYS A 75 19.64 5.46 8.87
C LYS A 75 18.40 5.76 8.02
N ALA A 76 18.43 5.40 6.75
CA ALA A 76 17.26 5.63 5.89
C ALA A 76 16.05 4.84 6.37
N MET A 77 16.26 3.59 6.77
CA MET A 77 15.15 2.83 7.32
C MET A 77 14.56 3.52 8.54
N GLN A 78 15.43 4.01 9.45
CA GLN A 78 14.91 4.73 10.60
C GLN A 78 14.21 6.03 10.18
N GLY A 79 14.76 6.73 9.19
CA GLY A 79 14.23 8.02 8.85
C GLY A 79 12.92 7.96 8.10
N LEU A 80 12.63 6.82 7.48
CA LEU A 80 11.48 6.69 6.57
C LEU A 80 10.36 5.79 7.08
N THR A 81 10.67 4.80 7.92
CA THR A 81 9.69 3.80 8.33
C THR A 81 8.64 4.40 9.25
N GLY A 82 7.38 4.13 8.93
CA GLY A 82 6.25 4.66 9.68
C GLY A 82 5.75 6.02 9.24
N ARG A 83 6.47 6.70 8.36
CA ARG A 83 6.01 7.97 7.84
C ARG A 83 4.99 7.71 6.72
N LYS A 84 4.38 8.78 6.25
CA LYS A 84 3.38 8.69 5.19
C LYS A 84 3.91 9.15 3.84
N PHE A 85 3.60 8.37 2.82
CA PHE A 85 3.92 8.67 1.44
C PHE A 85 2.60 8.57 0.69
N ALA A 86 2.15 9.69 0.10
CA ALA A 86 0.82 9.74 -0.51
C ALA A 86 -0.26 9.20 0.44
N ASN A 87 -0.16 9.59 1.71
CA ASN A 87 -1.07 9.29 2.81
C ASN A 87 -1.04 7.83 3.25
N ARG A 88 -0.10 7.06 2.77
CA ARG A 88 0.03 5.66 3.10
C ARG A 88 1.19 5.47 4.05
N VAL A 89 1.01 4.63 5.08
CA VAL A 89 2.10 4.31 6.01
C VAL A 89 3.15 3.47 5.31
N VAL A 90 4.43 3.90 5.43
CA VAL A 90 5.54 3.22 4.76
C VAL A 90 5.99 2.07 5.64
N VAL A 91 6.13 0.89 5.05
CA VAL A 91 6.55 -0.34 5.71
C VAL A 91 7.89 -0.73 5.09
N THR A 92 8.87 -1.17 5.87
CA THR A 92 10.17 -1.40 5.27
C THR A 92 10.75 -2.74 5.75
N LYS A 93 11.70 -3.24 4.98
CA LYS A 93 12.47 -4.43 5.34
C LYS A 93 13.81 -4.29 4.66
N TYR A 94 14.80 -5.00 5.18
CA TYR A 94 16.06 -5.13 4.46
C TYR A 94 15.99 -6.20 3.40
N CYS A 95 16.66 -5.95 2.29
N CYS A 95 16.76 -6.00 2.33
CA CYS A 95 16.81 -6.93 1.23
CA CYS A 95 16.79 -6.88 1.18
C CYS A 95 18.16 -7.59 1.28
C CYS A 95 18.17 -7.51 1.04
N ASP A 96 18.21 -8.80 0.74
CA ASP A 96 19.47 -9.55 0.68
C ASP A 96 20.22 -8.97 -0.53
N PRO A 97 21.40 -8.37 -0.35
CA PRO A 97 22.05 -7.81 -1.54
C PRO A 97 22.25 -8.86 -2.59
N ASP A 98 22.40 -10.13 -2.19
CA ASP A 98 22.55 -11.21 -3.15
C ASP A 98 21.30 -11.30 -4.03
N SER A 99 20.13 -11.44 -3.42
CA SER A 99 18.91 -11.46 -4.21
C SER A 99 18.79 -10.20 -5.06
N TYR A 100 19.04 -9.03 -4.47
CA TYR A 100 19.09 -7.81 -5.26
C TYR A 100 20.22 -7.88 -6.29
N HIS A 101 21.38 -8.42 -5.93
CA HIS A 101 22.41 -8.57 -6.95
C HIS A 101 21.89 -9.38 -8.12
N ARG A 102 21.08 -10.40 -7.86
CA ARG A 102 20.43 -11.13 -8.95
C ARG A 102 19.24 -10.41 -9.53
N ARG A 103 18.75 -9.35 -8.86
CA ARG A 103 17.50 -8.68 -9.22
C ARG A 103 16.33 -9.67 -9.24
N ASP A 104 16.32 -10.55 -8.23
CA ASP A 104 15.23 -11.47 -7.96
C ASP A 104 14.37 -10.82 -6.87
N PHE A 105 13.19 -10.36 -7.24
CA PHE A 105 12.23 -9.79 -6.32
C PHE A 105 11.04 -10.72 -6.17
N TRP A 106 10.31 -10.56 -5.07
CA TRP A 106 9.12 -11.37 -4.86
C TRP A 106 8.09 -10.65 -4.00
N PRO B 2 -0.68 6.01 17.36
CA PRO B 2 -0.61 6.00 15.90
C PRO B 2 -1.15 7.30 15.28
N LEU B 3 -0.25 8.17 14.85
CA LEU B 3 -0.65 9.49 14.35
C LEU B 3 -1.47 9.33 13.08
N GLY B 4 -2.56 10.08 13.01
CA GLY B 4 -3.42 10.03 11.87
C GLY B 4 -4.23 8.76 11.73
N SER B 5 -4.21 7.86 12.71
CA SER B 5 -5.02 6.64 12.62
C SER B 5 -6.49 6.94 12.94
N THR B 6 -7.39 6.23 12.25
CA THR B 6 -8.83 6.43 12.39
C THR B 6 -9.49 5.06 12.45
N GLU B 7 -10.79 5.04 12.64
CA GLU B 7 -11.51 3.78 12.67
C GLU B 7 -11.97 3.32 11.28
N VAL B 8 -11.58 4.04 10.21
CA VAL B 8 -11.99 3.71 8.85
C VAL B 8 -10.73 3.37 8.04
N LEU B 9 -10.71 2.18 7.45
CA LEU B 9 -9.61 1.68 6.61
C LEU B 9 -9.99 1.82 5.14
N CYS B 10 -9.07 2.32 4.35
CA CYS B 10 -9.22 2.35 2.91
C CYS B 10 -8.28 1.36 2.27
N LEU B 11 -8.86 0.42 1.52
CA LEU B 11 -8.07 -0.61 0.84
C LEU B 11 -8.06 -0.32 -0.66
N MET B 12 -6.87 -0.29 -1.23
CA MET B 12 -6.69 0.02 -2.62
C MET B 12 -6.02 -1.14 -3.36
N ASN B 13 -6.26 -1.15 -4.68
CA ASN B 13 -5.73 -2.10 -5.65
C ASN B 13 -6.40 -3.45 -5.58
N MET B 14 -7.59 -3.56 -4.96
CA MET B 14 -8.17 -4.87 -4.76
C MET B 14 -9.25 -5.24 -5.76
N VAL B 15 -9.76 -4.26 -6.47
CA VAL B 15 -10.99 -4.41 -7.25
C VAL B 15 -10.69 -3.96 -8.67
N LEU B 16 -10.98 -4.85 -9.64
CA LEU B 16 -10.89 -4.53 -11.05
C LEU B 16 -12.14 -3.74 -11.45
N PRO B 17 -12.00 -2.78 -12.36
CA PRO B 17 -13.15 -1.95 -12.71
C PRO B 17 -14.36 -2.78 -13.13
N GLU B 18 -14.13 -3.90 -13.84
CA GLU B 18 -15.18 -4.73 -14.40
C GLU B 18 -15.86 -5.58 -13.34
N GLU B 19 -15.28 -5.61 -12.11
CA GLU B 19 -15.89 -6.33 -11.00
C GLU B 19 -16.97 -5.51 -10.32
N LEU B 20 -16.98 -4.18 -10.48
CA LEU B 20 -17.91 -3.35 -9.73
C LEU B 20 -19.36 -3.54 -10.20
N LEU B 21 -19.56 -3.71 -11.50
CA LEU B 21 -20.90 -3.85 -12.10
C LEU B 21 -21.27 -5.29 -12.40
N ASP B 22 -20.46 -6.26 -11.97
CA ASP B 22 -20.85 -7.66 -11.98
C ASP B 22 -21.39 -8.00 -10.59
N ASP B 23 -22.71 -8.14 -10.49
CA ASP B 23 -23.32 -8.27 -9.17
C ASP B 23 -22.79 -9.48 -8.43
N GLU B 24 -22.63 -10.60 -9.15
CA GLU B 24 -22.14 -11.81 -8.50
C GLU B 24 -20.76 -11.58 -7.92
N GLU B 25 -19.84 -11.07 -8.74
CA GLU B 25 -18.47 -10.86 -8.29
C GLU B 25 -18.41 -9.81 -7.19
N TYR B 26 -19.14 -8.71 -7.36
CA TYR B 26 -19.18 -7.66 -6.35
C TYR B 26 -19.69 -8.19 -5.02
N GLU B 27 -20.75 -8.97 -5.02
CA GLU B 27 -21.27 -9.48 -3.75
C GLU B 27 -20.26 -10.44 -3.10
N GLU B 28 -19.53 -11.23 -3.89
CA GLU B 28 -18.50 -12.09 -3.31
C GLU B 28 -17.35 -11.29 -2.71
N ILE B 29 -16.96 -10.19 -3.36
CA ILE B 29 -15.88 -9.35 -2.86
C ILE B 29 -16.28 -8.69 -1.53
N VAL B 30 -17.48 -8.13 -1.47
CA VAL B 30 -17.95 -7.59 -0.20
C VAL B 30 -17.91 -8.65 0.90
N GLU B 31 -18.42 -9.86 0.60
CA GLU B 31 -18.38 -10.94 1.58
C GLU B 31 -16.95 -11.29 1.98
N ASP B 32 -16.07 -11.45 0.99
CA ASP B 32 -14.70 -11.85 1.28
C ASP B 32 -13.97 -10.81 2.11
N VAL B 33 -14.16 -9.54 1.75
CA VAL B 33 -13.43 -8.50 2.49
C VAL B 33 -14.05 -8.34 3.87
N ARG B 34 -15.38 -8.31 3.96
CA ARG B 34 -15.98 -8.17 5.27
C ARG B 34 -15.57 -9.31 6.18
N ASP B 35 -15.56 -10.54 5.65
CA ASP B 35 -15.24 -11.71 6.48
C ASP B 35 -13.78 -11.70 6.94
N GLU B 36 -12.86 -11.26 6.09
CA GLU B 36 -11.46 -11.21 6.52
C GLU B 36 -11.20 -10.05 7.48
N CYS B 37 -11.89 -8.92 7.31
CA CYS B 37 -11.74 -7.82 8.25
C CYS B 37 -12.32 -8.16 9.60
N SER B 38 -13.41 -8.94 9.62
CA SER B 38 -14.04 -9.34 10.87
C SER B 38 -13.13 -10.21 11.72
N LYS B 39 -12.05 -10.73 11.16
CA LYS B 39 -11.09 -11.47 11.97
C LYS B 39 -10.38 -10.56 12.95
N TYR B 40 -10.31 -9.26 12.65
CA TYR B 40 -9.60 -8.30 13.46
C TYR B 40 -10.49 -7.46 14.36
N GLY B 41 -11.79 -7.41 14.12
CA GLY B 41 -12.65 -6.68 15.04
C GLY B 41 -14.01 -6.50 14.40
N LEU B 42 -14.93 -5.97 15.18
CA LEU B 42 -16.29 -5.82 14.69
C LEU B 42 -16.34 -4.81 13.55
N VAL B 43 -16.98 -5.18 12.45
CA VAL B 43 -17.10 -4.32 11.27
C VAL B 43 -18.48 -3.67 11.33
N LYS B 44 -18.52 -2.35 11.34
CA LYS B 44 -19.78 -1.61 11.41
C LYS B 44 -20.39 -1.51 10.03
N SER B 45 -19.55 -1.24 9.03
CA SER B 45 -20.06 -1.10 7.68
C SER B 45 -18.90 -1.24 6.71
N ILE B 46 -19.27 -1.45 5.45
CA ILE B 46 -18.31 -1.53 4.36
C ILE B 46 -18.91 -0.80 3.18
N GLU B 47 -18.11 0.01 2.50
CA GLU B 47 -18.56 0.74 1.33
C GLU B 47 -17.61 0.41 0.18
N ILE B 48 -18.17 -0.14 -0.89
CA ILE B 48 -17.35 -0.36 -2.11
C ILE B 48 -18.05 0.47 -3.20
N PRO B 49 -17.61 1.69 -3.45
CA PRO B 49 -18.32 2.54 -4.39
C PRO B 49 -18.36 1.95 -5.78
N ARG B 50 -19.51 2.08 -6.41
CA ARG B 50 -19.78 1.56 -7.74
C ARG B 50 -20.26 2.68 -8.65
N PRO B 51 -20.13 2.53 -9.97
CA PRO B 51 -20.71 3.54 -10.86
C PRO B 51 -22.20 3.65 -10.62
N VAL B 52 -22.73 4.82 -10.97
CA VAL B 52 -24.17 5.13 -10.91
C VAL B 52 -24.58 5.64 -12.27
N ASP B 53 -25.64 5.04 -12.85
CA ASP B 53 -26.17 5.46 -14.14
C ASP B 53 -25.09 5.45 -15.22
N GLY B 54 -24.19 4.49 -15.13
CA GLY B 54 -23.16 4.35 -16.12
C GLY B 54 -22.00 5.31 -15.96
N VAL B 55 -21.93 6.02 -14.84
CA VAL B 55 -20.83 6.95 -14.61
C VAL B 55 -20.06 6.57 -13.36
N GLU B 56 -18.72 6.53 -13.48
CA GLU B 56 -17.88 6.30 -12.33
C GLU B 56 -18.10 7.43 -11.34
N VAL B 57 -18.06 7.09 -10.06
CA VAL B 57 -18.20 8.08 -9.01
C VAL B 57 -16.86 8.11 -8.27
N PRO B 58 -16.62 9.15 -7.49
CA PRO B 58 -15.39 9.15 -6.70
C PRO B 58 -15.40 8.00 -5.69
N GLY B 59 -14.23 7.43 -5.50
CA GLY B 59 -14.11 6.24 -4.70
C GLY B 59 -14.21 4.92 -5.45
N CYS B 60 -14.58 4.95 -6.73
CA CYS B 60 -14.61 3.71 -7.50
C CYS B 60 -13.20 3.13 -7.55
N GLY B 61 -13.08 1.85 -7.25
CA GLY B 61 -11.80 1.17 -7.18
C GLY B 61 -11.29 0.97 -5.77
N LYS B 62 -11.91 1.64 -4.79
CA LYS B 62 -11.51 1.62 -3.40
C LYS B 62 -12.52 0.88 -2.56
N ILE B 63 -12.04 0.34 -1.45
CA ILE B 63 -12.89 -0.30 -0.44
C ILE B 63 -12.69 0.41 0.88
N PHE B 64 -13.77 0.76 1.54
CA PHE B 64 -13.70 1.44 2.83
C PHE B 64 -14.35 0.55 3.87
N VAL B 65 -13.67 0.32 4.98
CA VAL B 65 -14.23 -0.51 6.05
C VAL B 65 -14.19 0.27 7.35
N GLU B 66 -15.34 0.39 8.02
CA GLU B 66 -15.47 1.09 9.29
C GLU B 66 -15.56 0.06 10.41
N PHE B 67 -14.62 0.16 11.35
CA PHE B 67 -14.60 -0.62 12.58
C PHE B 67 -15.21 0.19 13.72
N THR B 68 -15.38 -0.49 14.86
CA THR B 68 -15.96 0.13 16.05
C THR B 68 -14.93 0.90 16.87
N SER B 69 -13.63 0.70 16.60
CA SER B 69 -12.58 1.33 17.37
C SER B 69 -11.36 1.56 16.48
N VAL B 70 -10.55 2.55 16.84
CA VAL B 70 -9.33 2.81 16.09
C VAL B 70 -8.36 1.65 16.27
N PHE B 71 -8.32 1.09 17.48
CA PHE B 71 -7.40 0.00 17.76
C PHE B 71 -7.63 -1.17 16.81
N ASP B 72 -8.90 -1.53 16.57
CA ASP B 72 -9.22 -2.60 15.62
C ASP B 72 -8.82 -2.26 14.19
N CYS B 73 -9.09 -1.02 13.75
CA CYS B 73 -8.66 -0.60 12.42
C CYS B 73 -7.14 -0.70 12.29
N GLN B 74 -6.41 -0.28 13.32
CA GLN B 74 -4.96 -0.36 13.27
C GLN B 74 -4.48 -1.81 13.16
N LYS B 75 -5.06 -2.72 13.95
CA LYS B 75 -4.71 -4.14 13.81
C LYS B 75 -5.05 -4.65 12.42
N ALA B 76 -6.21 -4.28 11.88
CA ALA B 76 -6.55 -4.72 10.52
C ALA B 76 -5.59 -4.11 9.49
N MET B 77 -5.18 -2.85 9.67
CA MET B 77 -4.22 -2.30 8.72
C MET B 77 -2.92 -3.10 8.77
N GLN B 78 -2.50 -3.45 9.99
CA GLN B 78 -1.23 -4.16 10.11
C GLN B 78 -1.33 -5.59 9.62
N GLY B 79 -2.48 -6.23 9.77
CA GLY B 79 -2.69 -7.57 9.27
C GLY B 79 -2.89 -7.65 7.77
N LEU B 80 -3.60 -6.67 7.20
CA LEU B 80 -3.97 -6.77 5.79
C LEU B 80 -2.96 -6.15 4.84
N THR B 81 -2.21 -5.15 5.29
CA THR B 81 -1.34 -4.42 4.39
C THR B 81 -0.29 -5.34 3.80
N GLY B 82 -0.17 -5.31 2.48
CA GLY B 82 0.79 -6.09 1.74
C GLY B 82 0.42 -7.53 1.52
N ARG B 83 -0.74 -7.96 2.01
CA ARG B 83 -1.23 -9.28 1.61
C ARG B 83 -1.64 -9.22 0.14
N LYS B 84 -2.00 -10.39 -0.40
CA LYS B 84 -2.50 -10.50 -1.76
C LYS B 84 -3.97 -10.86 -1.72
N PHE B 85 -4.75 -10.16 -2.53
CA PHE B 85 -6.19 -10.39 -2.68
C PHE B 85 -6.41 -10.63 -4.16
N ALA B 86 -6.86 -11.85 -4.51
CA ALA B 86 -6.93 -12.26 -5.92
C ALA B 86 -5.64 -11.91 -6.67
N ASN B 87 -4.50 -12.16 -6.04
CA ASN B 87 -3.18 -11.98 -6.65
C ASN B 87 -2.86 -10.50 -6.91
N ARG B 88 -3.47 -9.60 -6.15
CA ARG B 88 -3.19 -8.17 -6.22
CA ARG B 88 -3.20 -8.16 -6.22
C ARG B 88 -2.71 -7.68 -4.86
N VAL B 89 -1.60 -6.95 -4.84
CA VAL B 89 -1.10 -6.48 -3.55
C VAL B 89 -2.05 -5.45 -2.95
N VAL B 90 -2.39 -5.65 -1.68
CA VAL B 90 -3.28 -4.76 -0.93
C VAL B 90 -2.49 -3.55 -0.42
N VAL B 91 -2.94 -2.34 -0.76
CA VAL B 91 -2.30 -1.07 -0.37
C VAL B 91 -3.35 -0.34 0.48
N THR B 92 -2.92 0.24 1.61
CA THR B 92 -3.85 0.69 2.64
C THR B 92 -3.55 2.11 3.09
N LYS B 93 -4.62 2.81 3.53
CA LYS B 93 -4.45 4.06 4.24
C LYS B 93 -5.64 4.23 5.18
N TYR B 94 -5.46 5.10 6.17
CA TYR B 94 -6.57 5.55 7.01
C TYR B 94 -7.42 6.56 6.24
N CYS B 95 -8.74 6.54 6.48
CA CYS B 95 -9.71 7.44 5.84
C CYS B 95 -10.32 8.32 6.92
N ASP B 96 -10.53 9.61 6.60
CA ASP B 96 -11.16 10.52 7.56
C ASP B 96 -12.58 10.06 7.88
N PRO B 97 -12.97 9.93 9.16
CA PRO B 97 -14.29 9.35 9.43
C PRO B 97 -15.43 10.25 8.99
N ASP B 98 -15.31 11.56 9.17
CA ASP B 98 -16.40 12.45 8.77
C ASP B 98 -16.69 12.30 7.28
N SER B 99 -15.63 12.27 6.46
CA SER B 99 -15.80 12.08 5.02
C SER B 99 -16.51 10.77 4.72
N TYR B 100 -16.07 9.69 5.35
CA TYR B 100 -16.72 8.41 5.13
C TYR B 100 -18.20 8.50 5.47
N HIS B 101 -18.53 9.14 6.59
CA HIS B 101 -19.93 9.18 7.02
C HIS B 101 -20.76 10.04 6.07
N ARG B 102 -20.21 11.15 5.57
CA ARG B 102 -20.85 11.87 4.48
C ARG B 102 -20.81 11.12 3.14
N ARG B 103 -20.26 9.89 3.13
CA ARG B 103 -20.11 9.12 1.90
C ARG B 103 -19.44 9.97 0.83
N ASP B 104 -18.48 10.78 1.28
CA ASP B 104 -17.82 11.76 0.45
C ASP B 104 -16.45 11.21 0.08
N PHE B 105 -16.23 10.92 -1.20
CA PHE B 105 -15.00 10.26 -1.58
C PHE B 105 -14.14 11.06 -2.54
N TRP B 106 -13.32 10.33 -3.25
CA TRP B 106 -11.91 10.29 -2.90
C TRP B 106 -10.95 10.30 -4.07
N LYS C 3 7.15 19.35 -4.74
CA LYS C 3 5.79 18.82 -4.68
C LYS C 3 5.83 17.34 -4.27
N SER C 4 6.67 17.02 -3.28
CA SER C 4 6.90 15.64 -2.90
C SER C 4 5.67 14.98 -2.29
N ARG C 5 5.61 13.65 -2.43
CA ARG C 5 4.54 12.86 -1.84
CA ARG C 5 4.54 12.86 -1.84
C ARG C 5 4.82 12.48 -0.39
N TRP C 6 6.01 12.76 0.11
CA TRP C 6 6.41 12.50 1.48
C TRP C 6 5.78 13.52 2.42
N ASP C 7 5.25 13.04 3.55
CA ASP C 7 4.92 13.93 4.65
C ASP C 7 6.19 14.60 5.20
N GLU C 8 6.00 15.63 6.01
CA GLU C 8 7.11 16.33 6.63
C GLU C 8 7.43 15.79 8.02
N THR C 9 6.59 14.92 8.56
CA THR C 9 6.66 14.54 9.97
C THR C 9 7.80 13.56 10.20
N PRO C 10 8.68 13.83 11.16
CA PRO C 10 9.73 12.86 11.47
C PRO C 10 9.16 11.53 11.92
N ALA C 11 9.92 10.47 11.62
CA ALA C 11 9.48 9.14 12.00
C ALA C 11 9.26 9.04 13.51
N SER C 12 10.06 9.78 14.30
CA SER C 12 10.00 9.67 15.75
C SER C 12 8.71 10.24 16.32
N GLN C 13 7.99 10.99 15.53
CA GLN C 13 6.76 11.67 15.92
C GLN C 13 5.50 10.98 15.39
N MET C 14 5.64 9.79 14.81
CA MET C 14 4.48 9.08 14.23
C MET C 14 3.76 8.19 15.23
N LYS D 3 -14.20 -20.55 -1.43
CA LYS D 3 -13.09 -20.08 -2.25
C LYS D 3 -12.81 -18.60 -2.01
N SER D 4 -11.92 -18.29 -1.09
CA SER D 4 -11.62 -16.89 -0.79
C SER D 4 -10.56 -16.37 -1.74
N ARG D 5 -10.68 -15.09 -2.09
N ARG D 5 -10.68 -15.09 -2.09
CA ARG D 5 -9.64 -14.42 -2.85
CA ARG D 5 -9.64 -14.41 -2.85
C ARG D 5 -8.41 -14.07 -2.02
C ARG D 5 -8.40 -14.12 -2.02
N TRP D 6 -8.52 -14.14 -0.69
CA TRP D 6 -7.39 -13.82 0.17
C TRP D 6 -6.37 -14.93 0.13
N ASP D 7 -5.10 -14.56 0.33
CA ASP D 7 -4.04 -15.53 0.57
C ASP D 7 -4.18 -16.07 2.00
N GLU D 8 -3.25 -16.96 2.40
CA GLU D 8 -3.32 -17.52 3.76
C GLU D 8 -3.17 -16.43 4.80
N THR D 9 -3.97 -16.52 5.87
CA THR D 9 -3.98 -15.52 6.94
C THR D 9 -2.79 -15.74 7.89
N PRO D 10 -1.88 -14.76 8.03
CA PRO D 10 -0.70 -15.00 8.89
C PRO D 10 -1.07 -15.07 10.36
N ALA D 11 -0.59 -16.12 11.02
CA ALA D 11 -0.85 -16.30 12.45
C ALA D 11 -0.32 -15.10 13.23
#